data_6I1O
#
_entry.id   6I1O
#
_cell.length_a   99.198
_cell.length_b   99.198
_cell.length_c   80.073
_cell.angle_alpha   90.000
_cell.angle_beta   90.000
_cell.angle_gamma   120.000
#
_symmetry.space_group_name_H-M   'P 32 2 1'
#
loop_
_entity.id
_entity.type
_entity.pdbx_description
1 polymer 'FAB 2H2 heavy chain'
2 polymer 'FAB 2H2 light chain'
3 non-polymer 'SULFATE ION'
4 non-polymer 'SODIUM ION'
5 non-polymer 2-[BIS-(2-HYDROXY-ETHYL)-AMINO]-2-HYDROXYMETHYL-PROPANE-1,3-DIOL
6 water water
#
loop_
_entity_poly.entity_id
_entity_poly.type
_entity_poly.pdbx_seq_one_letter_code
_entity_poly.pdbx_strand_id
1 'polypeptide(L)'
;EVQLEESGGGLVKPGGSLKLSCAASGFAFSIYDMSWVRQTPEKRLEWVAYISSGGGTTYYPDTVKGRFTISRDNAKNTLY
LQMSSLKSEDTAIYYCARHAGVHYWGQGTTLTVSSAKTTPPSVYPLAPGSAAQTNSMVTLGCLVKGYFPEPVTVTWNSGS
LSSGVHTFPAVLQSDLYTLSSSVTVPSSTWPSETVTCNVAHPASSTKVDKKIVPRD
;
H
2 'polypeptide(L)'
;DIVMTQSPSSMYASLGERVTITCKASQDINSYLSWFQQKPGKSPKNLIYRANRLVDGVPSRFSGSGSGQDYSLTISSLEY
EDMGIYYCLQYDEFPWTFGGGTKLESKRADAAPTVSIFPPSSEQLTSGGASVVCFLNNFYPKDINVKWKIDGSERQNGVL
NSWTDQDSKDSTYSMSSTLTLTKDEYERHNSYTCEATHKTSTSPIVKSFNRNE
;
L
#
loop_
_chem_comp.id
_chem_comp.type
_chem_comp.name
_chem_comp.formula
BTB non-polymer 2-[BIS-(2-HYDROXY-ETHYL)-AMINO]-2-HYDROXYMETHYL-PROPANE-1,3-DIOL 'C8 H19 N O5'
NA non-polymer 'SODIUM ION' 'Na 1'
SO4 non-polymer 'SULFATE ION' 'O4 S -2'
#
# COMPACT_ATOMS: atom_id res chain seq x y z
N GLU A 1 -3.76 -26.62 13.51
CA GLU A 1 -2.91 -25.87 14.43
C GLU A 1 -3.69 -24.72 15.04
N VAL A 2 -3.03 -23.59 15.25
CA VAL A 2 -3.62 -22.41 15.89
C VAL A 2 -4.23 -21.52 14.82
N GLN A 3 -5.47 -21.10 15.03
CA GLN A 3 -6.18 -20.20 14.14
C GLN A 3 -6.60 -18.95 14.91
N LEU A 4 -6.30 -17.78 14.34
CA LEU A 4 -6.76 -16.50 14.85
C LEU A 4 -7.39 -15.74 13.69
N GLU A 5 -8.70 -15.56 13.75
CA GLU A 5 -9.47 -14.97 12.65
C GLU A 5 -10.20 -13.72 13.16
N GLU A 6 -9.80 -12.56 12.66
CA GLU A 6 -10.43 -11.31 13.03
C GLU A 6 -11.63 -11.02 12.13
N SER A 7 -12.62 -10.32 12.69
CA SER A 7 -13.78 -9.90 11.92
C SER A 7 -14.36 -8.66 12.57
N GLY A 8 -15.28 -8.01 11.85
CA GLY A 8 -15.99 -6.85 12.36
C GLY A 8 -15.56 -5.54 11.76
N GLY A 9 -14.51 -5.52 10.94
CA GLY A 9 -14.05 -4.29 10.34
C GLY A 9 -15.03 -3.73 9.33
N GLY A 10 -14.76 -2.49 8.94
CA GLY A 10 -15.59 -1.83 7.95
C GLY A 10 -15.44 -0.32 8.05
N LEU A 11 -16.36 0.38 7.40
CA LEU A 11 -16.39 1.83 7.39
C LEU A 11 -17.24 2.34 8.54
N VAL A 12 -16.68 3.29 9.31
CA VAL A 12 -17.34 3.90 10.46
C VAL A 12 -17.12 5.40 10.40
N LYS A 13 -18.14 6.18 10.77
CA LYS A 13 -17.97 7.63 10.85
C LYS A 13 -17.11 7.99 12.06
N PRO A 14 -16.35 9.08 11.97
CA PRO A 14 -15.66 9.59 13.16
C PRO A 14 -16.68 9.88 14.26
N GLY A 15 -16.27 9.61 15.50
CA GLY A 15 -17.18 9.63 16.62
C GLY A 15 -17.98 8.35 16.79
N GLY A 16 -17.97 7.46 15.79
CA GLY A 16 -18.74 6.24 15.87
C GLY A 16 -18.11 5.19 16.76
N SER A 17 -18.77 4.04 16.83
CA SER A 17 -18.34 2.92 17.63
C SER A 17 -18.39 1.65 16.79
N LEU A 18 -17.53 0.70 17.14
CA LEU A 18 -17.43 -0.56 16.44
C LEU A 18 -16.73 -1.56 17.36
N LYS A 19 -17.19 -2.81 17.31
CA LYS A 19 -16.59 -3.86 18.13
C LYS A 19 -16.00 -4.93 17.21
N LEU A 20 -14.70 -5.17 17.35
CA LEU A 20 -14.02 -6.20 16.59
C LEU A 20 -14.03 -7.51 17.38
N SER A 21 -13.95 -8.61 16.64
CA SER A 21 -13.89 -9.94 17.24
C SER A 21 -12.68 -10.69 16.70
N CYS A 22 -12.11 -11.55 17.53
CA CYS A 22 -10.99 -12.42 17.14
C CYS A 22 -11.30 -13.81 17.69
N ALA A 23 -11.75 -14.70 16.80
CA ALA A 23 -12.09 -16.06 17.20
C ALA A 23 -10.84 -16.93 17.21
N ALA A 24 -10.55 -17.52 18.36
CA ALA A 24 -9.34 -18.33 18.54
C ALA A 24 -9.70 -19.81 18.56
N SER A 25 -8.81 -20.63 17.99
CA SER A 25 -9.00 -22.07 17.98
C SER A 25 -7.64 -22.74 17.78
N GLY A 26 -7.52 -23.96 18.28
CA GLY A 26 -6.28 -24.71 18.20
C GLY A 26 -5.38 -24.61 19.41
N PHE A 27 -5.84 -24.00 20.50
CA PHE A 27 -5.06 -23.90 21.73
C PHE A 27 -6.01 -23.51 22.85
N ALA A 28 -5.49 -23.51 24.08
CA ALA A 28 -6.27 -23.13 25.25
C ALA A 28 -6.30 -21.60 25.30
N PHE A 29 -7.37 -21.03 24.74
CA PHE A 29 -7.51 -19.57 24.70
C PHE A 29 -7.58 -18.94 26.08
N SER A 30 -7.95 -19.70 27.10
CA SER A 30 -8.15 -19.16 28.44
C SER A 30 -6.86 -19.04 29.25
N ILE A 31 -5.72 -19.48 28.72
CA ILE A 31 -4.48 -19.47 29.47
C ILE A 31 -3.40 -18.58 28.87
N TYR A 32 -3.71 -17.86 27.80
CA TYR A 32 -2.79 -16.86 27.27
C TYR A 32 -3.35 -15.45 27.38
N ASP A 33 -2.45 -14.51 27.58
CA ASP A 33 -2.76 -13.11 27.38
C ASP A 33 -2.79 -12.79 25.90
N MET A 34 -3.76 -11.97 25.49
CA MET A 34 -3.98 -11.62 24.10
C MET A 34 -3.72 -10.13 23.89
N SER A 35 -3.47 -9.77 22.63
CA SER A 35 -3.18 -8.38 22.29
C SER A 35 -3.79 -8.02 20.95
N TRP A 36 -4.00 -6.71 20.76
CA TRP A 36 -4.35 -6.12 19.47
C TRP A 36 -3.21 -5.23 19.01
N VAL A 37 -2.85 -5.34 17.74
CA VAL A 37 -1.85 -4.50 17.09
C VAL A 37 -2.43 -4.01 15.77
N ARG A 38 -2.16 -2.76 15.41
CA ARG A 38 -2.73 -2.21 14.18
C ARG A 38 -1.63 -1.65 13.28
N GLN A 39 -1.94 -1.62 11.97
CA GLN A 39 -1.01 -1.11 10.96
C GLN A 39 -1.71 -0.03 10.15
N THR A 40 -1.18 1.19 10.21
CA THR A 40 -1.76 2.33 9.53
C THR A 40 -1.55 2.24 8.03
N PRO A 41 -2.25 3.06 7.24
CA PRO A 41 -1.97 3.08 5.79
C PRO A 41 -0.54 3.45 5.46
N GLU A 42 0.13 4.19 6.33
CA GLU A 42 1.54 4.51 6.15
C GLU A 42 2.46 3.34 6.49
N LYS A 43 1.89 2.16 6.80
CA LYS A 43 2.66 0.95 7.09
C LYS A 43 3.50 1.09 8.36
N ARG A 44 2.97 1.79 9.35
CA ARG A 44 3.54 1.81 10.69
C ARG A 44 2.72 0.90 11.60
N LEU A 45 3.41 0.17 12.47
CA LEU A 45 2.78 -0.74 13.42
C LEU A 45 2.70 -0.08 14.80
N GLU A 46 1.58 -0.29 15.48
CA GLU A 46 1.43 0.20 16.85
C GLU A 46 0.62 -0.77 17.69
N TRP A 47 1.09 -1.02 18.90
CA TRP A 47 0.33 -1.83 19.85
C TRP A 47 -0.93 -1.08 20.24
N VAL A 48 -2.04 -1.80 20.29
CA VAL A 48 -3.34 -1.22 20.60
C VAL A 48 -3.79 -1.55 22.01
N ALA A 49 -3.74 -2.82 22.39
CA ALA A 49 -4.22 -3.20 23.71
C ALA A 49 -3.66 -4.56 24.09
N TYR A 50 -3.67 -4.83 25.39
CA TYR A 50 -3.15 -6.05 25.97
C TYR A 50 -4.06 -6.46 27.12
N ILE A 51 -4.38 -7.75 27.19
CA ILE A 51 -5.29 -8.25 28.22
C ILE A 51 -4.70 -9.53 28.82
N SER A 52 -4.99 -9.73 30.11
CA SER A 52 -4.53 -10.92 30.83
C SER A 52 -5.29 -12.16 30.37
N SER A 53 -4.75 -13.32 30.73
CA SER A 53 -5.33 -14.59 30.32
C SER A 53 -6.77 -14.74 30.83
N GLY A 54 -7.04 -14.27 32.04
CA GLY A 54 -8.37 -14.33 32.60
C GLY A 54 -9.29 -13.20 32.20
N GLY A 55 -8.76 -12.18 31.53
CA GLY A 55 -9.56 -11.05 31.11
C GLY A 55 -9.78 -9.98 32.15
N GLY A 56 -9.26 -10.16 33.36
CA GLY A 56 -9.51 -9.21 34.43
C GLY A 56 -8.68 -7.95 34.35
N THR A 57 -7.48 -8.04 33.79
CA THR A 57 -6.57 -6.89 33.73
CA THR A 57 -6.55 -6.91 33.73
C THR A 57 -6.23 -6.58 32.28
N THR A 58 -6.13 -5.28 31.97
CA THR A 58 -5.90 -4.75 30.62
C THR A 58 -4.85 -3.64 30.67
N TYR A 59 -4.13 -3.41 29.55
CA TYR A 59 -3.16 -2.32 29.42
C TYR A 59 -3.30 -1.62 28.06
N TYR A 60 -3.25 -0.28 28.06
CA TYR A 60 -3.38 0.48 26.82
C TYR A 60 -2.36 1.59 26.67
N PRO A 61 -2.00 1.90 25.43
CA PRO A 61 -1.25 3.12 25.19
C PRO A 61 -2.15 4.34 25.31
N ASP A 62 -1.53 5.50 25.50
CA ASP A 62 -2.29 6.74 25.70
C ASP A 62 -3.11 7.14 24.48
N THR A 63 -2.73 6.69 23.28
CA THR A 63 -3.49 7.06 22.09
C THR A 63 -4.91 6.54 22.13
N VAL A 64 -5.16 5.40 22.78
CA VAL A 64 -6.48 4.79 22.78
C VAL A 64 -7.08 4.65 24.17
N LYS A 65 -6.31 4.90 25.22
CA LYS A 65 -6.81 4.76 26.58
C LYS A 65 -8.04 5.64 26.79
N GLY A 66 -9.08 5.06 27.39
CA GLY A 66 -10.33 5.76 27.59
C GLY A 66 -11.32 5.62 26.46
N ARG A 67 -10.89 5.16 25.29
CA ARG A 67 -11.76 4.97 24.13
C ARG A 67 -11.90 3.51 23.72
N PHE A 68 -10.83 2.74 23.82
CA PHE A 68 -10.82 1.34 23.42
C PHE A 68 -10.91 0.45 24.65
N THR A 69 -11.59 -0.68 24.49
CA THR A 69 -11.73 -1.65 25.57
C THR A 69 -11.47 -3.04 24.99
N ILE A 70 -10.43 -3.70 25.47
CA ILE A 70 -10.14 -5.07 25.11
C ILE A 70 -10.78 -5.98 26.14
N SER A 71 -11.52 -6.98 25.67
CA SER A 71 -12.20 -7.93 26.54
C SER A 71 -12.13 -9.31 25.88
N ARG A 72 -12.65 -10.31 26.56
CA ARG A 72 -12.61 -11.67 26.05
C ARG A 72 -13.73 -12.48 26.66
N ASP A 73 -14.21 -13.45 25.90
CA ASP A 73 -15.19 -14.43 26.37
C ASP A 73 -14.52 -15.79 26.27
N ASN A 74 -13.99 -16.27 27.40
CA ASN A 74 -13.25 -17.53 27.39
C ASN A 74 -14.14 -18.73 27.10
N ALA A 75 -15.40 -18.67 27.53
CA ALA A 75 -16.35 -19.74 27.20
C ALA A 75 -16.61 -19.83 25.70
N LYS A 76 -16.43 -18.73 24.97
CA LYS A 76 -16.60 -18.71 23.53
C LYS A 76 -15.29 -18.66 22.77
N ASN A 77 -14.15 -18.63 23.47
CA ASN A 77 -12.83 -18.58 22.83
C ASN A 77 -12.70 -17.38 21.90
N THR A 78 -13.22 -16.23 22.32
CA THR A 78 -13.23 -15.03 21.50
C THR A 78 -12.58 -13.88 22.25
N LEU A 79 -11.72 -13.14 21.54
CA LEU A 79 -11.17 -11.88 22.02
C LEU A 79 -11.92 -10.73 21.35
N TYR A 80 -12.04 -9.62 22.05
CA TYR A 80 -12.78 -8.47 21.55
C TYR A 80 -11.97 -7.20 21.67
N LEU A 81 -12.27 -6.25 20.79
CA LEU A 81 -11.81 -4.87 20.90
C LEU A 81 -13.01 -3.98 20.67
N GLN A 82 -13.52 -3.37 21.74
CA GLN A 82 -14.61 -2.42 21.65
C GLN A 82 -14.01 -1.02 21.45
N MET A 83 -14.32 -0.41 20.35
CA MET A 83 -13.84 0.92 20.05
C MET A 83 -14.99 1.92 20.10
N SER A 84 -14.77 3.05 20.75
CA SER A 84 -15.72 4.15 20.80
C SER A 84 -14.97 5.46 20.60
N SER A 85 -15.72 6.53 20.35
CA SER A 85 -15.15 7.83 20.02
C SER A 85 -14.07 7.68 18.95
N LEU A 86 -14.42 7.01 17.87
CA LEU A 86 -13.46 6.69 16.83
C LEU A 86 -12.96 7.96 16.15
N LYS A 87 -11.67 7.97 15.84
CA LYS A 87 -11.01 9.07 15.16
C LYS A 87 -10.47 8.58 13.82
N SER A 88 -10.37 9.50 12.86
CA SER A 88 -9.81 9.12 11.56
C SER A 88 -8.42 8.51 11.71
N GLU A 89 -7.68 8.88 12.76
CA GLU A 89 -6.35 8.32 12.98
C GLU A 89 -6.41 6.84 13.39
N ASP A 90 -7.58 6.32 13.76
CA ASP A 90 -7.73 4.91 14.06
C ASP A 90 -7.83 4.04 12.81
N THR A 91 -7.90 4.66 11.63
CA THR A 91 -7.89 3.92 10.38
C THR A 91 -6.64 3.06 10.30
N ALA A 92 -6.84 1.75 10.15
CA ALA A 92 -5.73 0.81 10.21
C ALA A 92 -6.25 -0.60 9.97
N ILE A 93 -5.32 -1.51 9.69
CA ILE A 93 -5.59 -2.94 9.75
C ILE A 93 -5.31 -3.41 11.16
N TYR A 94 -6.28 -4.09 11.77
CA TYR A 94 -6.19 -4.52 13.16
C TYR A 94 -5.91 -6.01 13.21
N TYR A 95 -4.85 -6.39 13.92
CA TYR A 95 -4.46 -7.79 14.11
C TYR A 95 -4.63 -8.18 15.56
N CYS A 96 -5.14 -9.38 15.80
CA CYS A 96 -5.01 -9.98 17.13
C CYS A 96 -3.79 -10.88 17.13
N ALA A 97 -3.02 -10.81 18.21
CA ALA A 97 -1.78 -11.56 18.35
C ALA A 97 -1.80 -12.28 19.68
N ARG A 98 -1.40 -13.55 19.66
CA ARG A 98 -1.30 -14.32 20.90
C ARG A 98 -0.08 -13.88 21.68
N HIS A 99 -0.27 -13.60 22.97
CA HIS A 99 0.82 -13.19 23.85
C HIS A 99 1.52 -11.96 23.29
N ALA A 100 2.79 -12.11 22.91
CA ALA A 100 3.58 -11.02 22.34
C ALA A 100 3.77 -11.18 20.84
N GLY A 101 2.94 -12.01 20.19
CA GLY A 101 3.04 -12.17 18.75
C GLY A 101 4.34 -12.79 18.28
N VAL A 102 4.98 -13.62 19.11
CA VAL A 102 6.18 -14.31 18.67
C VAL A 102 5.83 -15.40 17.67
N HIS A 103 4.63 -15.96 17.76
CA HIS A 103 4.33 -17.10 16.90
C HIS A 103 3.04 -16.94 16.11
N TYR A 104 1.99 -16.37 16.69
CA TYR A 104 0.67 -16.42 16.08
C TYR A 104 0.09 -15.02 15.95
N TRP A 105 -0.15 -14.61 14.71
CA TRP A 105 -0.91 -13.42 14.37
C TRP A 105 -2.10 -13.85 13.51
N GLY A 106 -3.18 -13.09 13.60
CA GLY A 106 -4.26 -13.24 12.66
C GLY A 106 -3.91 -12.65 11.32
N GLN A 107 -4.88 -12.69 10.41
CA GLN A 107 -4.73 -12.09 9.10
C GLN A 107 -5.15 -10.63 9.07
N GLY A 108 -5.79 -10.14 10.12
CA GLY A 108 -6.17 -8.75 10.21
C GLY A 108 -7.58 -8.48 9.69
N THR A 109 -8.17 -7.39 10.19
CA THR A 109 -9.43 -6.88 9.70
C THR A 109 -9.30 -5.36 9.59
N THR A 110 -9.84 -4.80 8.51
CA THR A 110 -9.58 -3.41 8.14
C THR A 110 -10.67 -2.49 8.67
N LEU A 111 -10.24 -1.39 9.27
CA LEU A 111 -11.13 -0.34 9.77
C LEU A 111 -10.84 0.96 9.02
N THR A 112 -11.87 1.56 8.44
CA THR A 112 -11.78 2.89 7.84
C THR A 112 -12.70 3.83 8.61
N VAL A 113 -12.14 4.93 9.11
CA VAL A 113 -12.88 5.92 9.88
C VAL A 113 -12.92 7.19 9.05
N SER A 114 -14.10 7.50 8.50
CA SER A 114 -14.23 8.63 7.58
C SER A 114 -15.70 9.03 7.49
N SER A 115 -15.93 10.33 7.25
CA SER A 115 -17.27 10.85 7.03
C SER A 115 -17.68 10.83 5.57
N ALA A 116 -16.78 10.44 4.67
CA ALA A 116 -17.08 10.49 3.25
C ALA A 116 -18.20 9.51 2.90
N LYS A 117 -19.00 9.89 1.91
CA LYS A 117 -20.15 9.09 1.50
C LYS A 117 -19.71 7.96 0.57
N THR A 118 -20.30 6.79 0.76
CA THR A 118 -20.08 5.69 -0.17
C THR A 118 -20.53 6.12 -1.56
N THR A 119 -19.63 5.94 -2.54
CA THR A 119 -19.85 6.45 -3.89
C THR A 119 -19.26 5.48 -4.90
N PRO A 120 -20.02 5.06 -5.92
CA PRO A 120 -19.45 4.25 -6.97
C PRO A 120 -18.55 5.10 -7.86
N PRO A 121 -17.55 4.49 -8.50
CA PRO A 121 -16.64 5.28 -9.34
C PRO A 121 -17.26 5.66 -10.67
N SER A 122 -16.77 6.77 -11.21
CA SER A 122 -16.93 7.08 -12.63
C SER A 122 -15.74 6.47 -13.37
N VAL A 123 -16.01 5.74 -14.44
CA VAL A 123 -14.99 4.99 -15.17
C VAL A 123 -14.87 5.59 -16.56
N TYR A 124 -13.65 6.01 -16.92
CA TYR A 124 -13.43 6.64 -18.20
C TYR A 124 -12.37 5.91 -19.01
N PRO A 125 -12.59 5.70 -20.30
CA PRO A 125 -11.58 5.03 -21.13
C PRO A 125 -10.43 5.97 -21.44
N LEU A 126 -9.21 5.41 -21.48
CA LEU A 126 -8.02 6.15 -21.85
C LEU A 126 -7.46 5.53 -23.12
N ALA A 127 -7.76 6.13 -24.27
CA ALA A 127 -7.25 5.73 -25.57
C ALA A 127 -6.12 6.66 -26.00
N PRO A 128 -5.17 6.16 -26.78
CA PRO A 128 -4.05 7.01 -27.22
C PRO A 128 -4.53 8.16 -28.09
N GLY A 129 -3.84 9.31 -27.97
CA GLY A 129 -4.20 10.51 -28.74
C GLY A 129 -4.19 10.26 -30.25
N SER A 130 -5.04 10.99 -30.99
CA SER A 130 -5.44 10.56 -32.33
C SER A 130 -4.26 10.32 -33.29
N ALA A 131 -3.10 10.91 -33.03
CA ALA A 131 -1.91 10.62 -33.84
C ALA A 131 -1.11 9.45 -33.26
N SER A 136 4.29 -1.17 -32.01
CA SER A 136 4.44 -2.62 -31.81
C SER A 136 3.61 -3.18 -30.62
N MET A 137 3.69 -2.44 -29.51
CA MET A 137 2.80 -2.60 -28.37
C MET A 137 1.99 -1.31 -28.24
N VAL A 138 0.76 -1.43 -27.75
CA VAL A 138 -0.11 -0.30 -27.48
C VAL A 138 -0.54 -0.37 -26.03
N THR A 139 -0.39 0.75 -25.31
CA THR A 139 -0.83 0.85 -23.92
C THR A 139 -2.16 1.58 -23.86
N LEU A 140 -3.12 0.99 -23.18
CA LEU A 140 -4.45 1.55 -22.97
C LEU A 140 -4.65 1.77 -21.48
N GLY A 141 -5.69 2.53 -21.13
CA GLY A 141 -5.90 2.91 -19.75
C GLY A 141 -7.37 2.93 -19.36
N CYS A 142 -7.58 3.06 -18.05
CA CYS A 142 -8.91 3.00 -17.45
C CYS A 142 -8.87 3.91 -16.23
N LEU A 143 -9.53 5.06 -16.30
CA LEU A 143 -9.52 6.03 -15.22
C LEU A 143 -10.73 5.78 -14.32
N VAL A 144 -10.47 5.49 -13.05
CA VAL A 144 -11.47 5.09 -12.08
C VAL A 144 -11.54 6.21 -11.05
N LYS A 145 -12.48 7.13 -11.22
CA LYS A 145 -12.46 8.43 -10.56
C LYS A 145 -13.62 8.57 -9.59
N GLY A 146 -13.31 9.03 -8.38
CA GLY A 146 -14.34 9.48 -7.45
C GLY A 146 -15.14 8.39 -6.79
N TYR A 147 -14.47 7.42 -6.20
CA TYR A 147 -15.15 6.35 -5.49
C TYR A 147 -14.77 6.38 -4.02
N PHE A 148 -15.60 5.74 -3.20
CA PHE A 148 -15.37 5.60 -1.77
C PHE A 148 -16.31 4.55 -1.23
N PRO A 149 -15.86 3.67 -0.32
CA PRO A 149 -14.47 3.55 0.13
C PRO A 149 -13.68 2.53 -0.70
N GLU A 150 -12.45 2.28 -0.27
CA GLU A 150 -11.68 1.18 -0.82
C GLU A 150 -12.35 -0.15 -0.48
N PRO A 151 -12.10 -1.20 -1.27
CA PRO A 151 -11.32 -1.19 -2.51
C PRO A 151 -12.18 -1.22 -3.77
N VAL A 152 -11.52 -1.17 -4.93
CA VAL A 152 -12.10 -1.58 -6.20
C VAL A 152 -11.23 -2.67 -6.77
N THR A 153 -11.83 -3.47 -7.65
CA THR A 153 -11.12 -4.52 -8.39
C THR A 153 -11.19 -4.19 -9.87
N VAL A 154 -10.03 -4.05 -10.51
CA VAL A 154 -9.96 -3.73 -11.93
C VAL A 154 -9.42 -4.95 -12.66
N THR A 155 -10.16 -5.39 -13.67
CA THR A 155 -9.69 -6.45 -14.56
C THR A 155 -9.82 -5.97 -16.00
N TRP A 156 -9.14 -6.67 -16.90
CA TRP A 156 -9.16 -6.37 -18.33
C TRP A 156 -9.64 -7.60 -19.07
N ASN A 157 -10.67 -7.42 -19.89
CA ASN A 157 -11.34 -8.53 -20.58
C ASN A 157 -11.65 -9.66 -19.61
N SER A 158 -12.24 -9.29 -18.47
CA SER A 158 -12.69 -10.23 -17.45
C SER A 158 -11.55 -11.09 -16.91
N GLY A 159 -10.33 -10.56 -16.96
CA GLY A 159 -9.16 -11.22 -16.42
C GLY A 159 -8.24 -11.84 -17.45
N SER A 160 -8.73 -12.04 -18.68
CA SER A 160 -7.93 -12.75 -19.68
C SER A 160 -6.70 -11.96 -20.11
N LEU A 161 -6.70 -10.64 -19.92
CA LEU A 161 -5.50 -9.82 -20.07
C LEU A 161 -4.95 -9.58 -18.67
N SER A 162 -4.09 -10.49 -18.22
CA SER A 162 -3.51 -10.41 -16.87
C SER A 162 -2.09 -9.87 -16.87
N SER A 163 -1.29 -10.21 -17.87
CA SER A 163 0.08 -9.72 -17.94
C SER A 163 0.10 -8.37 -18.64
N GLY A 164 1.14 -7.58 -18.33
CA GLY A 164 1.21 -6.23 -18.85
C GLY A 164 0.16 -5.30 -18.29
N VAL A 165 -0.36 -5.58 -17.10
CA VAL A 165 -1.36 -4.76 -16.43
C VAL A 165 -0.71 -4.08 -15.24
N HIS A 166 -0.93 -2.77 -15.10
CA HIS A 166 -0.52 -2.02 -13.91
C HIS A 166 -1.73 -1.28 -13.38
N THR A 167 -2.23 -1.69 -12.22
CA THR A 167 -3.27 -0.95 -11.52
C THR A 167 -2.62 -0.17 -10.39
N PHE A 168 -2.74 1.15 -10.44
CA PHE A 168 -1.96 1.95 -9.52
C PHE A 168 -2.70 2.19 -8.22
N PRO A 169 -1.96 2.38 -7.13
CA PRO A 169 -2.60 2.67 -5.84
C PRO A 169 -3.48 3.90 -5.94
N ALA A 170 -4.62 3.83 -5.28
CA ALA A 170 -5.54 4.96 -5.25
C ALA A 170 -4.87 6.17 -4.60
N VAL A 171 -5.27 7.35 -5.06
CA VAL A 171 -4.84 8.61 -4.46
C VAL A 171 -6.08 9.35 -3.98
N LEU A 172 -5.84 10.32 -3.10
CA LEU A 172 -6.88 11.17 -2.56
C LEU A 172 -7.19 12.31 -3.52
N GLN A 173 -8.45 12.42 -3.93
CA GLN A 173 -8.92 13.50 -4.78
C GLN A 173 -10.33 13.84 -4.34
N SER A 174 -10.54 15.08 -3.91
CA SER A 174 -11.74 15.47 -3.15
C SER A 174 -11.73 14.64 -1.86
N ASP A 175 -12.91 14.28 -1.34
CA ASP A 175 -13.00 13.32 -0.26
C ASP A 175 -13.17 11.89 -0.77
N LEU A 176 -12.76 11.63 -2.01
CA LEU A 176 -12.93 10.34 -2.65
C LEU A 176 -11.57 9.83 -3.13
N TYR A 177 -11.59 8.64 -3.71
CA TYR A 177 -10.40 8.02 -4.27
C TYR A 177 -10.43 8.09 -5.79
N THR A 178 -9.23 8.11 -6.37
CA THR A 178 -9.06 8.01 -7.82
C THR A 178 -7.88 7.10 -8.10
N LEU A 179 -8.02 6.24 -9.09
CA LEU A 179 -6.88 5.47 -9.58
C LEU A 179 -7.03 5.26 -11.08
N SER A 180 -5.92 4.87 -11.70
CA SER A 180 -5.92 4.42 -13.09
C SER A 180 -5.32 3.03 -13.16
N SER A 181 -5.65 2.33 -14.24
CA SER A 181 -5.07 1.03 -14.57
C SER A 181 -4.61 1.08 -16.02
N SER A 182 -3.42 0.53 -16.28
CA SER A 182 -2.90 0.44 -17.64
C SER A 182 -2.85 -1.01 -18.07
N VAL A 183 -3.03 -1.23 -19.37
CA VAL A 183 -2.86 -2.53 -19.98
C VAL A 183 -2.06 -2.33 -21.25
N THR A 184 -1.12 -3.25 -21.51
CA THR A 184 -0.26 -3.16 -22.68
C THR A 184 -0.49 -4.40 -23.54
N VAL A 185 -0.81 -4.19 -24.81
CA VAL A 185 -1.15 -5.28 -25.71
C VAL A 185 -0.45 -5.06 -27.04
N PRO A 186 -0.23 -6.14 -27.80
CA PRO A 186 0.34 -5.97 -29.15
C PRO A 186 -0.54 -5.08 -30.01
N SER A 187 0.10 -4.22 -30.79
CA SER A 187 -0.63 -3.30 -31.66
C SER A 187 -1.46 -4.04 -32.71
N SER A 188 -1.16 -5.32 -32.95
CA SER A 188 -1.90 -6.12 -33.92
C SER A 188 -3.23 -6.62 -33.38
N THR A 189 -3.49 -6.45 -32.08
CA THR A 189 -4.71 -6.97 -31.46
C THR A 189 -5.76 -5.90 -31.23
N TRP A 190 -5.37 -4.70 -30.78
CA TRP A 190 -6.32 -3.62 -30.57
C TRP A 190 -6.12 -2.54 -31.64
N PRO A 191 -7.20 -1.94 -32.17
CA PRO A 191 -8.62 -2.10 -31.81
C PRO A 191 -9.39 -3.19 -32.55
N SER A 192 -8.71 -3.99 -33.37
CA SER A 192 -9.39 -5.05 -34.09
C SER A 192 -10.04 -6.05 -33.14
N GLU A 193 -9.40 -6.33 -32.01
CA GLU A 193 -10.00 -7.11 -30.94
C GLU A 193 -10.32 -6.17 -29.78
N THR A 194 -11.47 -6.38 -29.14
CA THR A 194 -11.94 -5.45 -28.13
C THR A 194 -11.10 -5.55 -26.87
N VAL A 195 -10.88 -4.40 -26.22
CA VAL A 195 -10.27 -4.33 -24.89
C VAL A 195 -11.22 -3.52 -24.02
N THR A 196 -11.58 -4.06 -22.88
CA THR A 196 -12.53 -3.44 -21.98
CA THR A 196 -12.57 -3.50 -21.97
C THR A 196 -12.01 -3.62 -20.56
N CYS A 197 -12.10 -2.56 -19.78
CA CYS A 197 -11.74 -2.71 -18.37
C CYS A 197 -13.02 -2.93 -17.56
N ASN A 198 -12.95 -3.85 -16.60
CA ASN A 198 -14.06 -4.15 -15.71
C ASN A 198 -13.71 -3.66 -14.32
N VAL A 199 -14.61 -2.88 -13.72
CA VAL A 199 -14.34 -2.21 -12.45
C VAL A 199 -15.42 -2.62 -11.45
N ALA A 200 -15.02 -3.36 -10.42
CA ALA A 200 -15.92 -3.79 -9.36
C ALA A 200 -15.69 -2.95 -8.12
N HIS A 201 -16.78 -2.37 -7.59
CA HIS A 201 -16.76 -1.61 -6.34
C HIS A 201 -17.79 -2.24 -5.41
N PRO A 202 -17.40 -3.26 -4.63
CA PRO A 202 -18.40 -4.00 -3.85
C PRO A 202 -19.14 -3.16 -2.82
N ALA A 203 -18.50 -2.14 -2.24
CA ALA A 203 -19.16 -1.32 -1.24
C ALA A 203 -20.40 -0.64 -1.81
N SER A 204 -20.41 -0.34 -3.11
CA SER A 204 -21.58 0.23 -3.77
C SER A 204 -22.35 -0.81 -4.57
N SER A 205 -21.92 -2.08 -4.53
CA SER A 205 -22.55 -3.17 -5.28
C SER A 205 -22.65 -2.83 -6.77
N THR A 206 -21.52 -2.43 -7.35
CA THR A 206 -21.47 -2.05 -8.76
C THR A 206 -20.33 -2.76 -9.47
N LYS A 207 -20.56 -3.09 -10.73
CA LYS A 207 -19.55 -3.66 -11.60
C LYS A 207 -19.78 -3.06 -12.99
N VAL A 208 -18.85 -2.22 -13.43
CA VAL A 208 -18.99 -1.45 -14.65
C VAL A 208 -17.96 -1.91 -15.67
N ASP A 209 -18.37 -2.00 -16.92
CA ASP A 209 -17.48 -2.30 -18.03
C ASP A 209 -17.33 -1.05 -18.89
N LYS A 210 -16.12 -0.79 -19.35
CA LYS A 210 -15.85 0.36 -20.20
C LYS A 210 -14.95 -0.09 -21.36
N LYS A 211 -15.49 -0.04 -22.57
CA LYS A 211 -14.74 -0.42 -23.76
C LYS A 211 -13.80 0.72 -24.16
N ILE A 212 -12.58 0.36 -24.53
CA ILE A 212 -11.58 1.33 -24.98
C ILE A 212 -11.70 1.43 -26.50
N VAL A 213 -12.14 2.59 -26.98
CA VAL A 213 -12.30 2.81 -28.42
C VAL A 213 -11.36 3.92 -28.86
N PRO A 214 -10.81 3.86 -30.08
CA PRO A 214 -9.90 4.91 -30.53
C PRO A 214 -10.58 6.28 -30.56
N ARG A 215 -9.77 7.32 -30.42
CA ARG A 215 -10.27 8.68 -30.41
C ARG A 215 -10.58 9.16 -31.82
N ASP A 216 -11.61 9.98 -31.95
CA ASP A 216 -11.99 10.56 -33.24
C ASP A 216 -10.97 11.61 -33.67
N ASP B 1 6.93 7.54 25.83
CA ASP B 1 7.22 6.20 25.34
C ASP B 1 8.59 6.13 24.67
N ILE B 2 9.10 4.92 24.49
CA ILE B 2 10.41 4.72 23.86
C ILE B 2 10.24 4.84 22.34
N VAL B 3 11.12 5.60 21.71
CA VAL B 3 11.07 5.83 20.27
C VAL B 3 12.11 4.96 19.59
N MET B 4 11.68 4.21 18.59
CA MET B 4 12.53 3.33 17.81
C MET B 4 12.64 3.89 16.39
N THR B 5 13.87 4.00 15.91
CA THR B 5 14.11 4.51 14.55
C THR B 5 15.01 3.52 13.82
N GLN B 6 14.63 3.21 12.57
CA GLN B 6 15.36 2.25 11.77
C GLN B 6 16.04 2.94 10.59
N SER B 7 17.16 2.36 10.16
CA SER B 7 17.89 2.83 8.99
C SER B 7 18.40 1.63 8.21
N PRO B 8 18.41 1.69 6.87
CA PRO B 8 17.86 2.80 6.10
C PRO B 8 16.34 2.67 5.97
N SER B 9 15.69 3.69 5.42
CA SER B 9 14.25 3.59 5.19
C SER B 9 13.96 2.56 4.11
N SER B 10 14.81 2.48 3.09
CA SER B 10 14.72 1.47 2.04
C SER B 10 16.11 1.26 1.45
N MET B 11 16.31 0.07 0.89
CA MET B 11 17.56 -0.24 0.19
C MET B 11 17.32 -1.34 -0.83
N TYR B 12 18.12 -1.31 -1.89
CA TYR B 12 18.13 -2.35 -2.91
C TYR B 12 19.25 -3.34 -2.61
N ALA B 13 19.00 -4.61 -2.94
CA ALA B 13 20.05 -5.61 -2.77
C ALA B 13 19.86 -6.73 -3.78
N SER B 14 20.96 -7.41 -4.07
CA SER B 14 21.00 -8.48 -5.04
C SER B 14 21.05 -9.83 -4.34
N LEU B 15 20.71 -10.88 -5.10
CA LEU B 15 20.78 -12.24 -4.60
C LEU B 15 22.18 -12.56 -4.11
N GLY B 16 22.27 -13.15 -2.92
CA GLY B 16 23.54 -13.52 -2.33
C GLY B 16 24.24 -12.42 -1.57
N GLU B 17 23.71 -11.20 -1.59
CA GLU B 17 24.38 -10.08 -0.97
C GLU B 17 24.18 -10.08 0.55
N ARG B 18 25.20 -9.65 1.27
CA ARG B 18 25.07 -9.46 2.71
C ARG B 18 24.35 -8.15 2.98
N VAL B 19 23.32 -8.21 3.82
CA VAL B 19 22.45 -7.08 4.09
C VAL B 19 22.39 -6.87 5.60
N THR B 20 22.66 -5.64 6.04
CA THR B 20 22.53 -5.29 7.44
C THR B 20 21.66 -4.06 7.57
N ILE B 21 20.69 -4.10 8.47
CA ILE B 21 19.81 -2.98 8.76
C ILE B 21 19.87 -2.71 10.26
N THR B 22 19.67 -1.46 10.64
CA THR B 22 19.90 -1.06 12.02
C THR B 22 18.63 -0.49 12.65
N CYS B 23 18.61 -0.49 13.97
CA CYS B 23 17.47 -0.06 14.77
C CYS B 23 18.00 0.57 16.04
N LYS B 24 17.58 1.81 16.32
CA LYS B 24 18.06 2.57 17.46
C LYS B 24 16.89 2.91 18.38
N ALA B 25 17.10 2.72 19.68
CA ALA B 25 16.12 3.03 20.70
C ALA B 25 16.45 4.35 21.38
N SER B 26 15.41 5.09 21.78
CA SER B 26 15.61 6.37 22.45
C SER B 26 16.26 6.23 23.82
N GLN B 27 16.21 5.03 24.41
CA GLN B 27 16.87 4.77 25.67
C GLN B 27 17.29 3.30 25.71
N ASP B 28 18.09 2.96 26.71
CA ASP B 28 18.53 1.58 26.89
C ASP B 28 17.33 0.66 27.09
N ILE B 29 17.25 -0.40 26.29
CA ILE B 29 16.12 -1.32 26.32
C ILE B 29 16.52 -2.73 26.74
N ASN B 30 17.76 -2.92 27.19
CA ASN B 30 18.21 -4.17 27.79
C ASN B 30 17.98 -5.36 26.85
N SER B 31 18.30 -5.19 25.58
CA SER B 31 18.25 -6.24 24.56
C SER B 31 16.85 -6.83 24.37
N TYR B 32 15.82 -6.19 24.93
CA TYR B 32 14.45 -6.65 24.68
C TYR B 32 13.97 -6.06 23.34
N LEU B 33 14.52 -6.62 22.28
CA LEU B 33 14.26 -6.16 20.91
C LEU B 33 13.99 -7.34 20.00
N SER B 34 12.91 -7.24 19.24
CA SER B 34 12.50 -8.28 18.30
C SER B 34 12.45 -7.72 16.88
N TRP B 35 12.70 -8.59 15.91
CA TRP B 35 12.65 -8.24 14.51
C TRP B 35 11.50 -8.99 13.83
N PHE B 36 10.75 -8.28 12.99
CA PHE B 36 9.64 -8.85 12.23
C PHE B 36 9.85 -8.61 10.74
N GLN B 37 9.43 -9.58 9.93
CA GLN B 37 9.37 -9.43 8.48
C GLN B 37 7.92 -9.43 8.03
N GLN B 38 7.58 -8.55 7.10
CA GLN B 38 6.23 -8.50 6.57
C GLN B 38 6.29 -8.45 5.04
N LYS B 39 5.60 -9.35 4.42
CA LYS B 39 5.42 -9.42 2.99
C LYS B 39 4.07 -8.83 2.61
N PRO B 40 3.93 -8.30 1.39
CA PRO B 40 2.68 -7.62 1.01
C PRO B 40 1.46 -8.51 1.17
N GLY B 41 0.43 -7.96 1.79
CA GLY B 41 -0.82 -8.67 2.00
C GLY B 41 -0.84 -9.64 3.16
N LYS B 42 0.28 -9.80 3.86
CA LYS B 42 0.36 -10.73 4.97
C LYS B 42 0.68 -9.99 6.25
N SER B 43 0.55 -10.70 7.36
CA SER B 43 0.82 -10.13 8.67
C SER B 43 2.31 -10.24 8.98
N PRO B 44 2.80 -9.43 9.92
CA PRO B 44 4.23 -9.54 10.30
C PRO B 44 4.52 -10.89 10.95
N LYS B 45 5.71 -11.39 10.66
CA LYS B 45 6.19 -12.66 11.20
C LYS B 45 7.44 -12.39 12.03
N ASN B 46 7.47 -12.92 13.25
CA ASN B 46 8.62 -12.72 14.13
C ASN B 46 9.78 -13.58 13.65
N LEU B 47 10.94 -12.96 13.44
CA LEU B 47 12.14 -13.67 13.03
C LEU B 47 13.17 -13.81 14.15
N ILE B 48 13.33 -12.78 14.98
CA ILE B 48 14.34 -12.77 16.02
C ILE B 48 13.75 -12.09 17.25
N TYR B 49 14.02 -12.67 18.42
CA TYR B 49 13.64 -12.06 19.70
C TYR B 49 14.86 -11.98 20.59
N ARG B 50 14.78 -11.12 21.60
CA ARG B 50 15.89 -10.89 22.53
C ARG B 50 17.17 -10.55 21.77
N ALA B 51 17.03 -9.70 20.74
CA ALA B 51 18.12 -9.12 19.98
C ALA B 51 18.83 -10.11 19.05
N ASN B 52 19.06 -11.35 19.50
CA ASN B 52 19.84 -12.28 18.68
C ASN B 52 19.32 -13.72 18.69
N ARG B 53 18.16 -13.99 19.27
CA ARG B 53 17.66 -15.36 19.34
C ARG B 53 16.72 -15.63 18.16
N LEU B 54 17.03 -16.67 17.39
CA LEU B 54 16.26 -16.98 16.19
C LEU B 54 14.98 -17.73 16.57
N VAL B 55 13.85 -17.29 16.01
CA VAL B 55 12.62 -18.05 16.15
C VAL B 55 12.79 -19.40 15.44
N ASP B 56 12.16 -20.43 16.00
CA ASP B 56 12.26 -21.76 15.42
C ASP B 56 11.73 -21.77 13.99
N GLY B 57 12.47 -22.42 13.09
CA GLY B 57 12.11 -22.50 11.70
C GLY B 57 12.71 -21.44 10.81
N VAL B 58 13.29 -20.39 11.39
CA VAL B 58 13.86 -19.30 10.60
C VAL B 58 15.20 -19.75 10.04
N PRO B 59 15.45 -19.56 8.74
CA PRO B 59 16.70 -20.05 8.14
C PRO B 59 17.94 -19.41 8.76
N SER B 60 19.07 -20.12 8.61
CA SER B 60 20.31 -19.79 9.30
C SER B 60 20.92 -18.47 8.85
N ARG B 61 20.58 -17.96 7.67
CA ARG B 61 21.18 -16.72 7.18
C ARG B 61 20.77 -15.50 7.99
N PHE B 62 19.75 -15.61 8.85
CA PHE B 62 19.33 -14.50 9.68
C PHE B 62 20.10 -14.49 10.99
N SER B 63 20.52 -13.31 11.42
CA SER B 63 21.14 -13.16 12.73
C SER B 63 20.93 -11.72 13.19
N GLY B 64 21.06 -11.53 14.50
CA GLY B 64 20.93 -10.22 15.08
C GLY B 64 22.02 -9.98 16.11
N SER B 65 22.31 -8.70 16.34
CA SER B 65 23.31 -8.32 17.33
C SER B 65 22.97 -6.93 17.86
N GLY B 66 23.77 -6.47 18.82
CA GLY B 66 23.60 -5.18 19.43
C GLY B 66 23.28 -5.28 20.92
N SER B 67 23.20 -4.11 21.53
CA SER B 67 22.94 -3.99 22.96
C SER B 67 22.57 -2.54 23.27
N GLY B 68 22.00 -2.35 24.46
CA GLY B 68 21.64 -1.02 24.92
C GLY B 68 20.65 -0.31 24.01
N GLN B 69 21.15 0.60 23.17
CA GLN B 69 20.31 1.37 22.26
C GLN B 69 20.46 1.00 20.80
N ASP B 70 21.54 0.34 20.41
CA ASP B 70 21.85 0.11 19.00
C ASP B 70 21.78 -1.38 18.68
N TYR B 71 20.98 -1.73 17.68
CA TYR B 71 20.76 -3.12 17.29
C TYR B 71 20.74 -3.23 15.78
N SER B 72 20.98 -4.43 15.27
CA SER B 72 21.05 -4.66 13.84
C SER B 72 20.55 -6.05 13.51
N LEU B 73 20.05 -6.19 12.28
CA LEU B 73 19.66 -7.48 11.72
C LEU B 73 20.50 -7.73 10.48
N THR B 74 21.00 -8.95 10.32
CA THR B 74 21.89 -9.29 9.21
C THR B 74 21.35 -10.50 8.47
N ILE B 75 21.30 -10.39 7.15
CA ILE B 75 21.07 -11.53 6.27
C ILE B 75 22.40 -11.81 5.59
N SER B 76 22.98 -12.99 5.85
CA SER B 76 24.34 -13.25 5.41
C SER B 76 24.42 -13.36 3.90
N SER B 77 23.37 -13.86 3.27
CA SER B 77 23.33 -14.08 1.82
C SER B 77 21.88 -14.00 1.41
N LEU B 78 21.49 -12.89 0.79
CA LEU B 78 20.08 -12.59 0.56
C LEU B 78 19.44 -13.59 -0.39
N GLU B 79 18.21 -13.98 -0.08
CA GLU B 79 17.33 -14.72 -0.98
C GLU B 79 16.18 -13.82 -1.40
N TYR B 80 15.62 -14.10 -2.58
CA TYR B 80 14.51 -13.29 -3.09
C TYR B 80 13.31 -13.29 -2.14
N GLU B 81 13.10 -14.40 -1.43
CA GLU B 81 11.99 -14.46 -0.48
C GLU B 81 12.21 -13.53 0.72
N ASP B 82 13.38 -12.91 0.84
CA ASP B 82 13.65 -12.00 1.96
C ASP B 82 13.18 -10.58 1.70
N MET B 83 12.72 -10.25 0.49
CA MET B 83 12.20 -8.92 0.22
C MET B 83 10.95 -8.65 1.06
N GLY B 84 10.76 -7.39 1.42
CA GLY B 84 9.64 -7.00 2.26
C GLY B 84 10.07 -5.88 3.20
N ILE B 85 9.23 -5.64 4.22
CA ILE B 85 9.50 -4.62 5.22
C ILE B 85 9.88 -5.30 6.52
N TYR B 86 10.97 -4.85 7.13
CA TYR B 86 11.44 -5.35 8.42
C TYR B 86 11.21 -4.31 9.50
N TYR B 87 10.61 -4.73 10.62
CA TYR B 87 10.32 -3.88 11.76
C TYR B 87 11.06 -4.40 12.98
N CYS B 88 11.65 -3.49 13.75
CA CYS B 88 12.10 -3.84 15.09
C CYS B 88 11.01 -3.47 16.10
N LEU B 89 11.04 -4.15 17.24
CA LEU B 89 10.06 -3.94 18.30
C LEU B 89 10.76 -4.05 19.64
N GLN B 90 10.59 -3.03 20.48
CA GLN B 90 11.09 -3.06 21.85
C GLN B 90 9.94 -3.48 22.77
N TYR B 91 10.23 -4.43 23.66
CA TYR B 91 9.26 -4.83 24.68
C TYR B 91 9.87 -4.74 26.07
N ASP B 92 10.84 -3.84 26.25
CA ASP B 92 11.41 -3.59 27.56
C ASP B 92 10.43 -2.82 28.46
N GLU B 93 9.51 -2.08 27.85
CA GLU B 93 8.61 -1.22 28.60
C GLU B 93 7.33 -1.03 27.78
N PHE B 94 6.17 -1.26 28.43
CA PHE B 94 4.87 -1.08 27.79
C PHE B 94 4.48 0.40 27.82
N PRO B 95 3.97 0.95 26.71
CA PRO B 95 3.63 0.32 25.43
C PRO B 95 4.84 -0.13 24.62
N TRP B 96 4.78 -1.37 24.15
CA TRP B 96 5.79 -1.86 23.22
C TRP B 96 5.68 -1.09 21.92
N THR B 97 6.82 -0.58 21.44
CA THR B 97 6.83 0.32 20.29
C THR B 97 7.69 -0.24 19.18
N PHE B 98 7.25 0.00 17.95
CA PHE B 98 7.92 -0.48 16.75
C PHE B 98 8.79 0.62 16.14
N GLY B 99 9.88 0.20 15.50
CA GLY B 99 10.57 1.08 14.59
C GLY B 99 9.74 1.33 13.35
N GLY B 100 10.18 2.32 12.57
CA GLY B 100 9.42 2.72 11.38
C GLY B 100 9.48 1.76 10.22
N GLY B 101 10.38 0.78 10.27
CA GLY B 101 10.48 -0.20 9.21
C GLY B 101 11.58 0.12 8.21
N THR B 102 12.16 -0.94 7.63
CA THR B 102 13.11 -0.83 6.55
C THR B 102 12.61 -1.69 5.40
N LYS B 103 12.40 -1.07 4.24
CA LYS B 103 11.92 -1.80 3.07
C LYS B 103 13.12 -2.35 2.31
N LEU B 104 13.18 -3.66 2.18
CA LEU B 104 14.24 -4.35 1.47
C LEU B 104 13.75 -4.72 0.08
N GLU B 105 14.38 -4.16 -0.94
CA GLU B 105 13.91 -4.27 -2.32
C GLU B 105 15.01 -4.87 -3.20
N SER B 106 14.62 -5.22 -4.42
CA SER B 106 15.47 -6.01 -5.30
C SER B 106 16.24 -5.13 -6.27
N LYS B 107 17.55 -5.32 -6.33
CA LYS B 107 18.41 -4.55 -7.21
C LYS B 107 18.43 -5.16 -8.60
N ARG B 108 18.44 -4.29 -9.61
CA ARG B 108 18.54 -4.71 -11.00
C ARG B 108 19.20 -3.58 -11.80
N ALA B 109 19.30 -3.79 -13.11
CA ALA B 109 19.87 -2.79 -14.00
C ALA B 109 18.90 -1.63 -14.21
N ASP B 110 19.46 -0.45 -14.45
CA ASP B 110 18.64 0.72 -14.75
C ASP B 110 17.80 0.47 -15.99
N ALA B 111 16.56 0.96 -15.96
CA ALA B 111 15.65 0.81 -17.10
C ALA B 111 14.85 2.08 -17.26
N ALA B 112 14.78 2.58 -18.49
CA ALA B 112 13.97 3.74 -18.81
C ALA B 112 12.50 3.35 -18.86
N PRO B 113 11.60 4.27 -18.49
CA PRO B 113 10.17 3.96 -18.54
C PRO B 113 9.64 3.96 -19.96
N THR B 114 8.62 3.14 -20.17
CA THR B 114 7.77 3.23 -21.35
C THR B 114 6.68 4.24 -21.02
N VAL B 115 6.75 5.41 -21.65
CA VAL B 115 5.84 6.51 -21.31
C VAL B 115 4.67 6.53 -22.27
N SER B 116 3.45 6.72 -21.73
CA SER B 116 2.23 6.84 -22.51
CA SER B 116 2.27 6.89 -22.56
C SER B 116 1.40 7.98 -21.96
N ILE B 117 0.87 8.85 -22.83
CA ILE B 117 0.04 9.97 -22.40
C ILE B 117 -1.34 9.82 -23.02
N PHE B 118 -2.36 10.23 -22.28
CA PHE B 118 -3.74 10.08 -22.72
C PHE B 118 -4.49 11.39 -22.51
N PRO B 119 -5.11 11.95 -23.55
CA PRO B 119 -5.96 13.12 -23.37
C PRO B 119 -7.19 12.76 -22.56
N PRO B 120 -7.86 13.74 -21.96
CA PRO B 120 -9.13 13.46 -21.27
C PRO B 120 -10.08 12.71 -22.20
N SER B 121 -10.91 11.83 -21.63
CA SER B 121 -11.91 11.17 -22.46
C SER B 121 -13.11 12.11 -22.71
N SER B 122 -13.77 11.91 -23.86
CA SER B 122 -14.98 12.68 -24.18
C SER B 122 -15.99 12.56 -23.07
N GLU B 123 -16.15 11.35 -22.51
CA GLU B 123 -17.11 11.14 -21.43
C GLU B 123 -16.80 12.03 -20.23
N GLN B 124 -15.52 12.14 -19.85
CA GLN B 124 -15.19 12.98 -18.69
C GLN B 124 -15.40 14.45 -19.01
N LEU B 125 -15.03 14.88 -20.22
CA LEU B 125 -15.24 16.27 -20.60
C LEU B 125 -16.72 16.65 -20.54
N THR B 126 -17.61 15.72 -20.83
CA THR B 126 -19.04 16.00 -20.73
C THR B 126 -19.45 16.33 -19.29
N SER B 127 -18.78 15.71 -18.31
CA SER B 127 -19.06 16.03 -16.92
C SER B 127 -18.43 17.35 -16.47
N GLY B 128 -17.53 17.93 -17.27
CA GLY B 128 -16.88 19.18 -16.93
C GLY B 128 -15.49 19.04 -16.33
N GLY B 129 -14.98 17.82 -16.20
CA GLY B 129 -13.63 17.63 -15.72
C GLY B 129 -12.70 17.20 -16.83
N ALA B 130 -11.39 17.32 -16.62
CA ALA B 130 -10.42 16.97 -17.65
C ALA B 130 -9.16 16.45 -16.96
N SER B 131 -9.00 15.14 -16.94
CA SER B 131 -7.81 14.50 -16.40
C SER B 131 -6.93 14.06 -17.56
N VAL B 132 -5.70 14.58 -17.60
CA VAL B 132 -4.69 14.12 -18.53
C VAL B 132 -3.81 13.12 -17.81
N VAL B 133 -3.78 11.89 -18.29
CA VAL B 133 -3.13 10.77 -17.61
C VAL B 133 -1.85 10.42 -18.32
N CYS B 134 -0.80 10.16 -17.55
CA CYS B 134 0.49 9.72 -18.07
C CYS B 134 0.96 8.51 -17.28
N PHE B 135 1.34 7.45 -17.98
CA PHE B 135 1.91 6.25 -17.37
C PHE B 135 3.40 6.20 -17.64
N LEU B 136 4.19 5.94 -16.59
CA LEU B 136 5.61 5.59 -16.74
C LEU B 136 5.77 4.17 -16.20
N ASN B 137 5.92 3.21 -17.10
CA ASN B 137 5.84 1.80 -16.76
C ASN B 137 7.20 1.11 -16.86
N ASN B 138 7.48 0.22 -15.90
CA ASN B 138 8.58 -0.74 -15.99
C ASN B 138 9.94 -0.05 -16.06
N PHE B 139 10.20 0.80 -15.07
CA PHE B 139 11.45 1.52 -14.98
C PHE B 139 12.17 1.14 -13.68
N TYR B 140 13.43 1.58 -13.59
CA TYR B 140 14.27 1.34 -12.43
C TYR B 140 15.41 2.33 -12.47
N PRO B 141 15.80 2.94 -11.33
CA PRO B 141 15.26 2.72 -9.98
C PRO B 141 13.92 3.39 -9.75
N LYS B 142 13.36 3.24 -8.55
CA LYS B 142 12.03 3.78 -8.29
C LYS B 142 12.02 5.30 -8.28
N ASP B 143 13.17 5.94 -8.03
CA ASP B 143 13.24 7.38 -7.95
C ASP B 143 13.25 7.96 -9.36
N ILE B 144 12.13 8.54 -9.77
CA ILE B 144 12.01 9.13 -11.09
C ILE B 144 11.21 10.43 -10.95
N ASN B 145 11.52 11.40 -11.81
CA ASN B 145 10.83 12.67 -11.80
C ASN B 145 9.96 12.77 -13.04
N VAL B 146 8.73 13.28 -12.85
CA VAL B 146 7.79 13.52 -13.93
C VAL B 146 7.61 15.02 -14.06
N LYS B 147 7.66 15.52 -15.28
CA LYS B 147 7.53 16.95 -15.55
C LYS B 147 6.43 17.14 -16.58
N TRP B 148 5.43 17.95 -16.24
CA TRP B 148 4.37 18.30 -17.15
C TRP B 148 4.69 19.64 -17.79
N LYS B 149 4.49 19.72 -19.10
CA LYS B 149 4.63 20.99 -19.81
C LYS B 149 3.36 21.23 -20.62
N ILE B 150 2.85 22.45 -20.55
CA ILE B 150 1.64 22.86 -21.23
C ILE B 150 2.02 24.00 -22.16
N ASP B 151 1.93 23.76 -23.47
CA ASP B 151 2.41 24.70 -24.48
C ASP B 151 3.82 25.21 -24.16
N GLY B 152 4.70 24.28 -23.76
CA GLY B 152 6.09 24.58 -23.52
C GLY B 152 6.42 25.11 -22.14
N SER B 153 5.43 25.43 -21.32
CA SER B 153 5.65 25.94 -19.97
C SER B 153 5.40 24.85 -18.95
N GLU B 154 6.26 24.80 -17.93
CA GLU B 154 6.15 23.74 -16.93
C GLU B 154 4.95 23.97 -16.03
N ARG B 155 4.24 22.88 -15.72
CA ARG B 155 3.04 22.92 -14.89
C ARG B 155 3.22 21.98 -13.72
N GLN B 156 3.07 22.50 -12.51
CA GLN B 156 3.19 21.70 -11.28
C GLN B 156 1.88 21.52 -10.56
N ASN B 157 1.04 22.55 -10.49
CA ASN B 157 -0.23 22.49 -9.77
C ASN B 157 -1.19 21.50 -10.43
N GLY B 158 -1.91 20.74 -9.59
CA GLY B 158 -2.95 19.86 -10.08
C GLY B 158 -2.50 18.48 -10.51
N VAL B 159 -1.30 18.07 -10.11
CA VAL B 159 -0.72 16.81 -10.53
C VAL B 159 -0.78 15.83 -9.36
N LEU B 160 -1.32 14.65 -9.59
CA LEU B 160 -1.39 13.58 -8.59
C LEU B 160 -0.58 12.39 -9.10
N ASN B 161 0.36 11.92 -8.28
CA ASN B 161 1.24 10.83 -8.64
C ASN B 161 0.98 9.60 -7.77
N SER B 162 1.16 8.43 -8.39
CA SER B 162 0.98 7.17 -7.67
C SER B 162 1.97 6.14 -8.18
N TRP B 163 2.63 5.45 -7.25
N TRP B 163 2.80 5.59 -7.29
CA TRP B 163 3.75 4.56 -7.55
CA TRP B 163 3.74 4.52 -7.63
C TRP B 163 3.39 3.14 -7.17
C TRP B 163 3.18 3.16 -7.29
N THR B 164 3.57 2.18 -8.09
CA THR B 164 3.34 0.80 -7.73
C THR B 164 4.42 0.32 -6.75
N ASP B 165 4.12 -0.79 -6.08
CA ASP B 165 5.18 -1.54 -5.42
C ASP B 165 6.04 -2.23 -6.48
N GLN B 166 7.24 -2.62 -6.07
CA GLN B 166 8.17 -3.23 -7.01
C GLN B 166 7.57 -4.50 -7.61
N ASP B 167 7.69 -4.62 -8.93
CA ASP B 167 7.17 -5.81 -9.61
C ASP B 167 7.95 -7.03 -9.17
N SER B 168 7.22 -8.05 -8.70
CA SER B 168 7.88 -9.22 -8.15
C SER B 168 8.58 -10.08 -9.20
N LYS B 169 8.29 -9.88 -10.48
CA LYS B 169 8.88 -10.70 -11.52
C LYS B 169 10.15 -10.08 -12.11
N ASP B 170 10.09 -8.81 -12.51
CA ASP B 170 11.21 -8.17 -13.20
C ASP B 170 11.84 -7.05 -12.39
N SER B 171 11.42 -6.85 -11.15
CA SER B 171 12.00 -5.88 -10.22
C SER B 171 11.88 -4.43 -10.71
N THR B 172 10.96 -4.13 -11.62
CA THR B 172 10.76 -2.75 -12.04
C THR B 172 9.65 -2.09 -11.24
N TYR B 173 9.52 -0.78 -11.44
CA TYR B 173 8.48 0.04 -10.85
C TYR B 173 7.68 0.71 -11.96
N SER B 174 6.47 1.13 -11.61
CA SER B 174 5.62 1.86 -12.53
C SER B 174 4.92 2.96 -11.75
N MET B 175 4.59 4.05 -12.45
CA MET B 175 3.90 5.13 -11.77
C MET B 175 2.99 5.83 -12.77
N SER B 176 1.90 6.38 -12.25
CA SER B 176 0.99 7.20 -13.04
C SER B 176 1.06 8.63 -12.53
N SER B 177 1.02 9.57 -13.45
CA SER B 177 0.94 10.99 -13.14
C SER B 177 -0.29 11.55 -13.82
N THR B 178 -1.19 12.15 -13.04
CA THR B 178 -2.48 12.62 -13.55
C THR B 178 -2.62 14.11 -13.29
N LEU B 179 -2.75 14.88 -14.37
CA LEU B 179 -3.00 16.31 -14.31
C LEU B 179 -4.50 16.55 -14.48
N THR B 180 -5.15 17.05 -13.44
CA THR B 180 -6.59 17.26 -13.48
C THR B 180 -6.88 18.76 -13.57
N LEU B 181 -7.65 19.15 -14.58
CA LEU B 181 -8.09 20.51 -14.83
C LEU B 181 -9.59 20.50 -15.08
N THR B 182 -10.21 21.67 -15.03
CA THR B 182 -11.55 21.78 -15.56
C THR B 182 -11.51 21.63 -17.08
N LYS B 183 -12.67 21.30 -17.66
CA LYS B 183 -12.77 21.27 -19.12
C LYS B 183 -12.35 22.60 -19.72
N ASP B 184 -12.87 23.70 -19.18
CA ASP B 184 -12.56 25.02 -19.73
C ASP B 184 -11.06 25.30 -19.68
N GLU B 185 -10.40 24.97 -18.56
CA GLU B 185 -8.97 25.26 -18.47
C GLU B 185 -8.18 24.37 -19.41
N TYR B 186 -8.53 23.08 -19.48
CA TYR B 186 -7.85 22.18 -20.40
C TYR B 186 -7.95 22.65 -21.84
N GLU B 187 -9.11 23.17 -22.24
CA GLU B 187 -9.28 23.57 -23.63
C GLU B 187 -8.67 24.94 -23.94
N ARG B 188 -8.12 25.63 -22.95
CA ARG B 188 -7.38 26.87 -23.23
C ARG B 188 -6.03 26.60 -23.90
N HIS B 189 -5.51 25.38 -23.79
CA HIS B 189 -4.16 25.08 -24.24
C HIS B 189 -4.17 24.06 -25.37
N ASN B 190 -3.05 23.97 -26.08
CA ASN B 190 -2.95 23.12 -27.26
C ASN B 190 -2.18 21.84 -26.99
N SER B 191 -0.89 21.95 -26.68
CA SER B 191 -0.04 20.78 -26.53
C SER B 191 0.15 20.43 -25.05
N TYR B 192 0.12 19.13 -24.77
CA TYR B 192 0.35 18.59 -23.43
C TYR B 192 1.49 17.59 -23.51
N THR B 193 2.49 17.74 -22.63
CA THR B 193 3.68 16.90 -22.65
C THR B 193 3.91 16.31 -21.28
N CYS B 194 4.24 15.02 -21.25
CA CYS B 194 4.66 14.31 -20.05
C CYS B 194 6.12 13.90 -20.27
N GLU B 195 6.99 14.25 -19.31
CA GLU B 195 8.44 14.02 -19.39
C GLU B 195 8.96 13.23 -18.20
N ALA B 196 9.58 12.07 -18.46
CA ALA B 196 10.16 11.21 -17.41
C ALA B 196 11.66 11.46 -17.39
N THR B 197 12.17 11.99 -16.26
CA THR B 197 13.59 12.21 -16.01
C THR B 197 14.06 11.39 -14.82
N HIS B 198 15.11 10.60 -15.02
CA HIS B 198 15.73 9.87 -13.92
C HIS B 198 16.79 10.75 -13.24
N LYS B 199 17.99 10.77 -13.81
CA LYS B 199 19.06 11.63 -13.34
C LYS B 199 19.08 12.93 -14.14
N THR B 200 19.63 13.98 -13.52
CA THR B 200 19.62 15.30 -14.13
C THR B 200 20.50 15.36 -15.36
N SER B 201 20.21 16.33 -16.22
CA SER B 201 20.94 16.67 -17.44
C SER B 201 20.86 15.60 -18.53
N THR B 202 20.28 14.41 -18.24
CA THR B 202 20.04 13.41 -19.29
C THR B 202 18.79 13.76 -20.09
N SER B 203 18.66 13.27 -21.33
CA SER B 203 17.47 13.60 -22.12
CA SER B 203 17.46 13.63 -22.07
C SER B 203 16.28 12.82 -21.56
N PRO B 204 15.11 13.45 -21.39
CA PRO B 204 13.94 12.75 -20.86
C PRO B 204 13.27 11.82 -21.87
N ILE B 205 12.45 10.93 -21.34
CA ILE B 205 11.51 10.16 -22.14
C ILE B 205 10.21 10.95 -22.21
N VAL B 206 9.80 11.34 -23.42
CA VAL B 206 8.76 12.34 -23.62
C VAL B 206 7.63 11.76 -24.47
N LYS B 207 6.40 12.07 -24.08
CA LYS B 207 5.21 11.82 -24.88
C LYS B 207 4.35 13.06 -24.88
N SER B 208 3.70 13.34 -26.00
CA SER B 208 2.93 14.56 -26.15
C SER B 208 1.74 14.33 -27.06
N PHE B 209 0.77 15.24 -26.94
CA PHE B 209 -0.32 15.30 -27.89
C PHE B 209 -0.74 16.75 -28.03
N ASN B 210 -1.38 17.05 -29.15
CA ASN B 210 -1.98 18.35 -29.40
C ASN B 210 -3.49 18.22 -29.28
N ARG B 211 -4.10 19.09 -28.48
CA ARG B 211 -5.55 19.10 -28.36
C ARG B 211 -6.20 19.37 -29.71
N ASN B 212 -5.71 20.37 -30.43
CA ASN B 212 -6.07 20.58 -31.83
C ASN B 212 -5.35 19.49 -32.64
N GLU B 213 -5.99 18.33 -32.69
CA GLU B 213 -5.40 17.08 -33.21
C GLU B 213 -4.51 17.25 -34.43
S SO4 C . 3.30 -17.71 22.33
O1 SO4 C . 3.28 -17.75 23.78
O2 SO4 C . 3.35 -19.06 21.78
O3 SO4 C . 2.07 -17.05 21.86
O4 SO4 C . 4.47 -16.96 21.88
S SO4 D . -6.97 -12.77 35.47
O1 SO4 D . -5.90 -12.88 34.48
O2 SO4 D . -7.37 -14.11 35.88
O3 SO4 D . -6.49 -12.02 36.63
O4 SO4 D . -8.11 -12.08 34.89
NA NA E . -14.43 14.56 -13.28
NA NA F . -14.86 -7.86 -20.62
NA NA G . -8.92 17.70 -8.16
NA NA H . -10.88 -1.91 30.85
C1 BTB I . -6.21 0.77 -5.16
O1 BTB I . -5.82 1.21 -3.85
C2 BTB I . -6.46 -0.74 -5.23
C3 BTB I . -6.90 -1.11 -6.64
O3 BTB I . -7.02 -2.54 -6.73
C4 BTB I . -7.55 -1.14 -4.23
O4 BTB I . -8.69 -0.28 -4.40
N BTB I . -5.20 -1.48 -4.98
C5 BTB I . -4.08 -0.77 -5.64
C6 BTB I . -2.76 -0.87 -4.87
C7 BTB I . -4.95 -1.71 -3.54
C8 BTB I . -4.95 -3.21 -3.24
#